data_9QDT
#
_entry.id   9QDT
#
_cell.length_a   101.42
_cell.length_b   101.42
_cell.length_c   134.68
_cell.angle_alpha   90
_cell.angle_beta   90
_cell.angle_gamma   90
#
_symmetry.space_group_name_H-M   'P 41 21 2'
#
loop_
_entity.id
_entity.type
_entity.pdbx_description
1 polymer 'Probable cytochrome c peroxidase'
2 non-polymer 'HEME C'
3 non-polymer 'PROTOPORPHYRIN IX CONTAINING FE'
4 non-polymer 'CALCIUM ION'
5 non-polymer 'CHLORIDE ION'
6 non-polymer '4-(2-HYDROXYETHYL)-1-PIPERAZINE ETHANESULFONIC ACID'
7 non-polymer 'SULFATE ION'
8 water water
#
_entity_poly.entity_id   1
_entity_poly.type   'polypeptide(L)'
_entity_poly.pdbx_seq_one_letter_code
;ENNKVLGFLREKGCDYCHTPSAELPAYYYIPGAKQLMDYDIKLGYKSFNLEAVRAALLADKPVSQSDLNKIEWVMQYETM
PPTRYTALHWAGKVSDEERAEILAWIAKQRAEYYASNDTAPEHRNEPVQPIPQKLPTDAQKVALGFALYHDPRLSADSTI
SCAHCHALNAGGVDGRKTSIGVGGAVGPINAPTVFNSVFNVEQFWDGRAATLQDQAGGPPLNPIEMASKSWDEIIAKLEK
DPQLKTQFLEVYPQGFSGENITDAIAEFEKTLITPDSPFDKWLRGDENALTAQQKKGYQLFKDNKCATCHGGIILGGRSF
EPLGLKKDFNFGEITAADIGRMNVTKEERDKLRQKVPGLRNVALTAPYFHRGDVPTLDGAVKLMLRYQVGKELPQEDVDD
IVAFLHSLNGVYTPYMQ
;
_entity_poly.pdbx_strand_id   A
#
loop_
_chem_comp.id
_chem_comp.type
_chem_comp.name
_chem_comp.formula
CA non-polymer 'CALCIUM ION' 'Ca 2'
CL non-polymer 'CHLORIDE ION' 'Cl -1'
EPE non-polymer '4-(2-HYDROXYETHYL)-1-PIPERAZINE ETHANESULFONIC ACID' 'C8 H18 N2 O4 S'
HEC non-polymer 'HEME C' 'C34 H34 Fe N4 O4'
HEM non-polymer 'PROTOPORPHYRIN IX CONTAINING FE' 'C34 H32 Fe N4 O4'
SO4 non-polymer 'SULFATE ION' 'O4 S -2'
#
# COMPACT_ATOMS: atom_id res chain seq x y z
N GLU A 1 8.54 -2.90 29.04
CA GLU A 1 8.30 -4.03 28.10
C GLU A 1 8.63 -3.61 26.67
N ASN A 2 8.44 -2.33 26.38
CA ASN A 2 9.05 -1.69 25.23
C ASN A 2 10.57 -1.80 25.35
N ASN A 3 11.10 -1.39 26.51
CA ASN A 3 12.54 -1.36 26.73
C ASN A 3 13.13 -2.77 26.63
N LYS A 4 12.36 -3.80 27.00
CA LYS A 4 12.80 -5.17 26.86
C LYS A 4 13.06 -5.51 25.39
N VAL A 5 12.18 -5.06 24.50
CA VAL A 5 12.33 -5.33 23.07
C VAL A 5 13.55 -4.57 22.52
N LEU A 6 13.71 -3.30 22.94
CA LEU A 6 14.84 -2.50 22.53
C LEU A 6 16.16 -3.11 23.03
N GLY A 7 16.16 -3.62 24.25
CA GLY A 7 17.36 -4.25 24.78
C GLY A 7 17.78 -5.43 23.90
N PHE A 8 16.77 -6.20 23.46
CA PHE A 8 16.99 -7.39 22.65
C PHE A 8 17.61 -7.02 21.30
N LEU A 9 17.06 -5.99 20.66
CA LEU A 9 17.49 -5.56 19.33
C LEU A 9 18.95 -5.11 19.38
N ARG A 10 19.32 -4.40 20.45
CA ARG A 10 20.69 -3.95 20.66
C ARG A 10 21.58 -5.16 20.93
N GLU A 11 21.14 -6.06 21.83
CA GLU A 11 21.92 -7.22 22.24
C GLU A 11 22.39 -8.03 21.05
N LYS A 12 21.47 -8.30 20.13
CA LYS A 12 21.64 -9.31 19.09
C LYS A 12 22.30 -8.76 17.82
N GLY A 13 22.70 -7.48 17.86
CA GLY A 13 23.39 -6.83 16.76
C GLY A 13 22.50 -6.55 15.54
N CYS A 14 21.19 -6.46 15.73
CA CYS A 14 20.29 -6.24 14.60
C CYS A 14 20.58 -4.88 13.97
N ASP A 15 21.01 -3.91 14.77
CA ASP A 15 21.18 -2.55 14.31
C ASP A 15 22.36 -2.43 13.36
N TYR A 16 23.30 -3.38 13.41
CA TYR A 16 24.46 -3.32 12.53
C TYR A 16 24.04 -3.42 11.07
N CYS A 17 23.01 -4.23 10.77
CA CYS A 17 22.55 -4.42 9.40
C CYS A 17 21.25 -3.67 9.07
N HIS A 18 20.58 -3.07 10.06
CA HIS A 18 19.27 -2.50 9.82
C HIS A 18 19.22 -1.02 10.22
N THR A 19 20.38 -0.36 10.30
CA THR A 19 20.43 1.08 10.43
C THR A 19 21.44 1.60 9.42
N PRO A 20 21.48 2.92 9.15
CA PRO A 20 22.49 3.49 8.25
C PRO A 20 23.87 3.29 8.86
N SER A 21 24.77 2.69 8.07
CA SER A 21 25.93 2.03 8.62
C SER A 21 27.22 2.59 8.04
N ALA A 22 28.14 3.00 8.93
CA ALA A 22 29.54 3.20 8.57
C ALA A 22 30.10 1.89 8.03
N GLU A 23 31.18 1.98 7.24
CA GLU A 23 32.03 0.81 7.00
C GLU A 23 32.47 0.33 8.38
N LEU A 24 32.18 -0.93 8.73
CA LEU A 24 32.53 -1.48 10.03
C LEU A 24 34.04 -1.72 10.11
N PRO A 25 34.63 -1.84 11.32
CA PRO A 25 36.06 -2.19 11.43
C PRO A 25 36.35 -3.60 10.92
N ALA A 26 37.60 -3.85 10.56
CA ALA A 26 37.96 -5.08 9.88
C ALA A 26 37.64 -6.35 10.69
N TYR A 27 37.66 -6.25 12.03
CA TYR A 27 37.51 -7.42 12.90
C TYR A 27 36.04 -7.79 13.10
N TYR A 28 35.14 -7.12 12.40
CA TYR A 28 33.77 -7.60 12.31
C TYR A 28 33.61 -8.64 11.19
N TYR A 29 34.56 -8.70 10.24
CA TYR A 29 34.33 -9.33 8.95
C TYR A 29 34.88 -10.75 8.93
N ILE A 30 34.17 -11.65 8.25
CA ILE A 30 34.60 -13.04 8.10
C ILE A 30 35.52 -13.12 6.89
N PRO A 31 36.78 -13.58 7.03
CA PRO A 31 37.67 -13.78 5.89
C PRO A 31 37.03 -14.73 4.88
N GLY A 32 37.08 -14.31 3.61
CA GLY A 32 36.55 -15.09 2.50
C GLY A 32 35.11 -14.73 2.20
N ALA A 33 34.51 -13.86 3.01
CA ALA A 33 33.10 -13.57 2.87
C ALA A 33 32.84 -12.08 3.08
N LYS A 34 33.86 -11.22 2.89
CA LYS A 34 33.74 -9.79 3.12
C LYS A 34 32.66 -9.21 2.21
N GLN A 35 32.64 -9.61 0.94
CA GLN A 35 31.70 -9.05 -0.02
C GLN A 35 30.26 -9.49 0.29
N LEU A 36 30.08 -10.78 0.55
CA LEU A 36 28.77 -11.27 0.91
C LEU A 36 28.31 -10.54 2.17
N MET A 37 29.22 -10.31 3.12
CA MET A 37 28.84 -9.65 4.35
C MET A 37 28.47 -8.18 4.11
N ASP A 38 29.21 -7.46 3.25
CA ASP A 38 28.79 -6.11 2.88
C ASP A 38 27.42 -6.13 2.20
N TYR A 39 27.15 -7.14 1.37
CA TYR A 39 25.92 -7.22 0.63
C TYR A 39 24.76 -7.48 1.59
N ASP A 40 24.97 -8.39 2.52
CA ASP A 40 24.03 -8.64 3.60
C ASP A 40 23.75 -7.40 4.45
N ILE A 41 24.78 -6.60 4.77
CA ILE A 41 24.60 -5.39 5.55
C ILE A 41 23.67 -4.41 4.82
N LYS A 42 23.82 -4.29 3.51
CA LYS A 42 23.03 -3.35 2.74
C LYS A 42 21.61 -3.86 2.51
N LEU A 43 21.49 -5.15 2.17
CA LEU A 43 20.20 -5.77 1.91
C LEU A 43 19.34 -5.75 3.18
N GLY A 44 19.96 -6.02 4.32
CA GLY A 44 19.25 -5.85 5.58
C GLY A 44 18.55 -4.49 5.64
N TYR A 45 19.33 -3.44 5.43
CA TYR A 45 18.83 -2.09 5.62
C TYR A 45 17.75 -1.78 4.58
N LYS A 46 17.92 -2.31 3.37
CA LYS A 46 17.01 -1.99 2.28
C LYS A 46 15.65 -2.63 2.57
N SER A 47 15.73 -3.78 3.25
CA SER A 47 14.63 -4.68 3.50
C SER A 47 13.82 -4.27 4.74
N PHE A 48 14.50 -3.65 5.72
CA PHE A 48 13.92 -3.37 7.01
C PHE A 48 14.71 -2.27 7.70
N ASN A 49 13.98 -1.22 8.06
CA ASN A 49 14.55 -0.04 8.68
C ASN A 49 14.17 -0.05 10.15
N LEU A 50 15.16 -0.36 10.97
CA LEU A 50 14.98 -0.52 12.40
C LEU A 50 14.89 0.83 13.10
N GLU A 51 15.40 1.90 12.48
CA GLU A 51 15.32 3.23 13.08
C GLU A 51 13.86 3.66 13.18
N ALA A 52 13.04 3.32 12.19
CA ALA A 52 11.61 3.55 12.30
C ALA A 52 11.05 2.84 13.54
N VAL A 53 11.41 1.58 13.78
CA VAL A 53 10.84 0.84 14.88
C VAL A 53 11.36 1.39 16.22
N ARG A 54 12.67 1.61 16.33
CA ARG A 54 13.26 2.25 17.49
C ARG A 54 12.56 3.59 17.80
N ALA A 55 12.24 4.40 16.77
CA ALA A 55 11.66 5.73 17.01
C ALA A 55 10.27 5.62 17.62
N ALA A 56 9.45 4.72 17.05
CA ALA A 56 8.09 4.49 17.52
C ALA A 56 8.10 3.96 18.95
N LEU A 57 8.96 2.98 19.22
CA LEU A 57 9.14 2.38 20.54
C LEU A 57 9.44 3.43 21.61
N LEU A 58 10.25 4.45 21.27
CA LEU A 58 10.73 5.39 22.26
C LEU A 58 9.73 6.52 22.51
N ALA A 59 8.83 6.80 21.55
CA ALA A 59 7.74 7.73 21.76
C ALA A 59 6.47 7.02 22.23
N ASP A 60 6.61 5.70 22.49
CA ASP A 60 5.52 4.82 22.93
C ASP A 60 4.39 4.75 21.90
N LYS A 61 4.75 4.81 20.62
CA LYS A 61 3.80 4.93 19.52
C LYS A 61 3.60 3.56 18.88
N PRO A 62 2.56 3.37 18.03
CA PRO A 62 2.43 2.14 17.25
C PRO A 62 3.56 2.00 16.23
N VAL A 63 4.16 0.80 16.23
CA VAL A 63 4.96 0.32 15.14
C VAL A 63 4.01 0.07 13.97
N SER A 64 4.45 0.43 12.76
CA SER A 64 3.67 0.26 11.54
C SER A 64 3.36 -1.22 11.36
N GLN A 65 2.27 -1.52 10.67
CA GLN A 65 1.88 -2.91 10.45
C GLN A 65 2.88 -3.66 9.58
N SER A 66 3.53 -2.94 8.67
CA SER A 66 4.49 -3.58 7.79
C SER A 66 5.68 -4.03 8.63
N ASP A 67 6.06 -3.22 9.63
CA ASP A 67 7.25 -3.48 10.40
C ASP A 67 6.97 -4.64 11.35
N LEU A 68 5.80 -4.63 12.03
CA LEU A 68 5.38 -5.78 12.80
C LEU A 68 5.30 -7.03 11.90
N ASN A 69 4.71 -6.88 10.71
CA ASN A 69 4.51 -8.03 9.86
C ASN A 69 5.87 -8.64 9.47
N LYS A 70 6.87 -7.80 9.24
CA LYS A 70 8.20 -8.23 8.86
C LYS A 70 8.84 -8.94 10.05
N ILE A 71 8.79 -8.30 11.21
CA ILE A 71 9.45 -8.84 12.38
C ILE A 71 8.79 -10.16 12.78
N GLU A 72 7.47 -10.23 12.70
CA GLU A 72 6.80 -11.47 13.05
C GLU A 72 7.37 -12.58 12.18
N TRP A 73 7.53 -12.27 10.89
CA TRP A 73 7.87 -13.27 9.91
C TRP A 73 9.25 -13.88 10.18
N VAL A 74 10.22 -12.99 10.42
CA VAL A 74 11.60 -13.37 10.72
C VAL A 74 11.68 -14.20 12.00
N MET A 75 10.88 -13.84 13.00
CA MET A 75 10.78 -14.60 14.22
C MET A 75 10.13 -15.96 13.95
N GLN A 76 9.03 -15.98 13.19
CA GLN A 76 8.33 -17.23 12.93
C GLN A 76 9.25 -18.24 12.24
N TYR A 77 9.98 -17.79 11.21
CA TYR A 77 10.79 -18.71 10.42
C TYR A 77 12.26 -18.68 10.85
N GLU A 78 12.62 -17.87 11.85
CA GLU A 78 13.92 -18.01 12.51
C GLU A 78 15.07 -17.66 11.58
N THR A 79 14.96 -16.49 10.96
CA THR A 79 15.77 -16.06 9.85
C THR A 79 16.83 -15.07 10.31
N MET A 80 16.69 -14.54 11.54
CA MET A 80 17.50 -13.39 11.92
C MET A 80 18.13 -13.62 13.30
N PRO A 81 19.44 -13.32 13.45
CA PRO A 81 20.27 -12.86 12.32
C PRO A 81 20.53 -13.99 11.34
N PRO A 82 21.07 -13.73 10.13
CA PRO A 82 21.45 -14.84 9.25
C PRO A 82 22.45 -15.74 9.97
N THR A 83 22.26 -17.06 9.85
CA THR A 83 22.89 -18.00 10.76
C THR A 83 24.42 -17.95 10.67
N ARG A 84 24.95 -17.43 9.55
CA ARG A 84 26.39 -17.45 9.35
C ARG A 84 27.13 -16.43 10.23
N TYR A 85 26.41 -15.46 10.81
CA TYR A 85 27.04 -14.42 11.64
C TYR A 85 26.90 -14.70 13.14
N THR A 86 26.15 -15.73 13.57
CA THR A 86 25.74 -15.84 14.96
C THR A 86 26.88 -16.28 15.87
N ALA A 87 27.95 -16.90 15.35
CA ALA A 87 29.07 -17.23 16.22
C ALA A 87 30.03 -16.06 16.36
N LEU A 88 29.73 -14.90 15.75
CA LEU A 88 30.55 -13.70 15.86
C LEU A 88 30.27 -12.97 17.17
N HIS A 89 31.28 -12.22 17.66
CA HIS A 89 31.19 -11.44 18.89
C HIS A 89 30.04 -10.43 18.86
N TRP A 90 29.65 -9.94 17.70
CA TRP A 90 28.73 -8.83 17.62
C TRP A 90 27.30 -9.22 17.27
N ALA A 91 27.00 -10.51 17.07
CA ALA A 91 25.66 -10.92 16.66
C ALA A 91 25.22 -12.14 17.45
N GLY A 92 24.03 -12.09 18.05
CA GLY A 92 23.57 -13.15 18.93
C GLY A 92 22.58 -14.05 18.22
N LYS A 93 22.53 -15.32 18.62
CA LYS A 93 21.44 -16.18 18.22
C LYS A 93 20.22 -15.81 19.07
N VAL A 94 19.04 -16.18 18.59
CA VAL A 94 17.82 -15.81 19.29
C VAL A 94 17.18 -17.11 19.79
N SER A 95 16.94 -17.17 21.10
CA SER A 95 16.44 -18.39 21.71
C SER A 95 14.94 -18.53 21.45
N ASP A 96 14.43 -19.76 21.61
CA ASP A 96 13.00 -20.07 21.56
C ASP A 96 12.21 -19.20 22.53
N GLU A 97 12.75 -19.01 23.75
CA GLU A 97 12.15 -18.12 24.74
C GLU A 97 11.95 -16.74 24.10
N GLU A 98 13.02 -16.19 23.51
CA GLU A 98 13.06 -14.80 23.10
C GLU A 98 12.14 -14.60 21.91
N ARG A 99 12.09 -15.61 21.04
CA ARG A 99 11.24 -15.62 19.86
C ARG A 99 9.77 -15.54 20.27
N ALA A 100 9.39 -16.44 21.19
CA ALA A 100 8.04 -16.51 21.73
C ALA A 100 7.62 -15.19 22.35
N GLU A 101 8.57 -14.45 22.96
CA GLU A 101 8.31 -13.17 23.60
C GLU A 101 8.07 -12.06 22.57
N ILE A 102 8.94 -11.99 21.54
CA ILE A 102 8.78 -11.02 20.48
C ILE A 102 7.43 -11.25 19.81
N LEU A 103 7.10 -12.51 19.52
CA LEU A 103 5.86 -12.87 18.83
C LEU A 103 4.65 -12.46 19.66
N ALA A 104 4.80 -12.55 20.97
CA ALA A 104 3.77 -12.15 21.90
C ALA A 104 3.66 -10.63 21.92
N TRP A 105 4.81 -9.94 21.89
CA TRP A 105 4.81 -8.48 21.92
C TRP A 105 4.16 -7.90 20.66
N ILE A 106 4.38 -8.55 19.53
CA ILE A 106 3.72 -8.19 18.27
C ILE A 106 2.21 -8.34 18.44
N ALA A 107 1.79 -9.45 19.05
CA ALA A 107 0.38 -9.78 19.11
C ALA A 107 -0.35 -8.74 19.94
N LYS A 108 0.31 -8.22 20.97
CA LYS A 108 -0.31 -7.23 21.82
C LYS A 108 -0.19 -5.84 21.18
N GLN A 109 0.76 -5.65 20.28
CA GLN A 109 0.82 -4.41 19.52
C GLN A 109 -0.37 -4.36 18.56
N ARG A 110 -0.62 -5.50 17.91
CA ARG A 110 -1.69 -5.65 16.93
C ARG A 110 -3.05 -5.54 17.62
N ALA A 111 -3.18 -6.10 18.83
CA ALA A 111 -4.42 -6.02 19.60
C ALA A 111 -4.68 -4.59 20.07
N GLU A 112 -3.65 -3.89 20.54
CA GLU A 112 -3.82 -2.51 20.96
C GLU A 112 -4.23 -1.62 19.79
N TYR A 113 -3.68 -1.83 18.59
CA TYR A 113 -3.70 -0.73 17.64
C TYR A 113 -4.40 -1.06 16.32
N TYR A 114 -4.59 -2.33 15.97
CA TYR A 114 -4.93 -2.66 14.58
C TYR A 114 -6.10 -3.64 14.50
N ALA A 115 -6.15 -4.66 15.36
CA ALA A 115 -7.22 -5.63 15.27
C ALA A 115 -8.57 -4.93 15.44
N SER A 116 -9.63 -5.43 14.78
CA SER A 116 -10.97 -4.90 14.97
C SER A 116 -11.83 -5.90 15.74
N ASN A 117 -12.82 -5.34 16.43
CA ASN A 117 -13.64 -6.06 17.40
C ASN A 117 -14.51 -7.10 16.71
N ASP A 118 -14.83 -6.82 15.44
CA ASP A 118 -15.81 -7.57 14.67
C ASP A 118 -15.17 -8.71 13.90
N THR A 119 -13.84 -8.85 13.92
CA THR A 119 -13.26 -10.02 13.30
C THR A 119 -13.26 -11.11 14.36
N ALA A 120 -13.49 -12.35 13.91
CA ALA A 120 -13.51 -13.52 14.75
C ALA A 120 -12.27 -13.58 15.64
N PRO A 121 -12.41 -14.05 16.90
CA PRO A 121 -11.29 -14.13 17.81
C PRO A 121 -10.06 -14.84 17.23
N GLU A 122 -10.29 -15.99 16.58
CA GLU A 122 -9.20 -16.77 15.99
C GLU A 122 -8.38 -16.00 14.96
N HIS A 123 -8.92 -14.90 14.39
CA HIS A 123 -8.26 -14.17 13.31
C HIS A 123 -7.79 -12.78 13.73
N ARG A 124 -7.87 -12.45 15.02
CA ARG A 124 -7.55 -11.09 15.45
C ARG A 124 -6.04 -10.86 15.43
N ASN A 125 -5.23 -11.90 15.24
CA ASN A 125 -3.80 -11.74 15.26
C ASN A 125 -3.20 -11.92 13.86
N GLU A 126 -4.04 -11.84 12.84
CA GLU A 126 -3.58 -11.89 11.46
C GLU A 126 -2.84 -10.60 11.12
N PRO A 127 -1.97 -10.61 10.07
CA PRO A 127 -1.28 -9.41 9.61
C PRO A 127 -2.12 -8.48 8.74
N VAL A 128 -3.43 -8.72 8.78
CA VAL A 128 -4.41 -8.16 7.86
C VAL A 128 -5.74 -8.05 8.58
N GLN A 129 -6.53 -7.04 8.23
CA GLN A 129 -7.84 -6.81 8.85
C GLN A 129 -8.90 -6.59 7.78
N PRO A 130 -10.18 -6.78 8.10
CA PRO A 130 -11.24 -6.59 7.12
C PRO A 130 -11.47 -5.10 6.93
N ILE A 131 -12.07 -4.73 5.80
CA ILE A 131 -12.42 -3.34 5.56
C ILE A 131 -13.59 -3.00 6.50
N PRO A 132 -13.50 -1.89 7.26
CA PRO A 132 -14.63 -1.40 8.05
C PRO A 132 -15.84 -1.29 7.11
N GLN A 133 -17.03 -1.53 7.67
CA GLN A 133 -18.24 -1.67 6.87
C GLN A 133 -18.84 -0.31 6.53
N LYS A 134 -18.37 0.74 7.20
CA LYS A 134 -18.87 2.10 7.00
C LYS A 134 -17.84 3.07 7.55
N LEU A 135 -17.71 4.22 6.89
CA LEU A 135 -16.95 5.34 7.43
C LEU A 135 -17.95 6.49 7.58
N PRO A 136 -17.92 7.26 8.69
CA PRO A 136 -18.87 8.35 8.85
C PRO A 136 -18.55 9.47 7.85
N THR A 137 -19.58 9.94 7.12
CA THR A 137 -19.43 10.99 6.12
C THR A 137 -20.59 11.97 6.25
N ASP A 138 -20.42 13.14 5.62
CA ASP A 138 -21.46 14.16 5.54
C ASP A 138 -22.22 13.96 4.25
N ALA A 139 -23.49 13.51 4.34
CA ALA A 139 -24.27 12.99 3.22
C ALA A 139 -24.44 14.00 2.07
N GLN A 140 -24.53 15.27 2.45
CA GLN A 140 -24.81 16.36 1.53
C GLN A 140 -23.57 16.67 0.70
N LYS A 141 -22.42 16.52 1.37
CA LYS A 141 -21.13 16.77 0.78
C LYS A 141 -20.74 15.60 -0.14
N VAL A 142 -21.14 14.40 0.25
CA VAL A 142 -21.02 13.22 -0.59
C VAL A 142 -21.77 13.41 -1.91
N ALA A 143 -22.99 13.94 -1.85
CA ALA A 143 -23.80 14.10 -3.05
C ALA A 143 -23.13 15.09 -4.01
N LEU A 144 -22.54 16.17 -3.46
CA LEU A 144 -21.74 17.12 -4.23
C LEU A 144 -20.56 16.42 -4.89
N GLY A 145 -19.76 15.74 -4.08
CA GLY A 145 -18.55 15.06 -4.52
C GLY A 145 -18.86 14.05 -5.60
N PHE A 146 -20.04 13.41 -5.48
CA PHE A 146 -20.48 12.43 -6.48
C PHE A 146 -20.70 13.11 -7.83
N ALA A 147 -21.43 14.22 -7.84
CA ALA A 147 -21.62 15.02 -9.05
C ALA A 147 -20.29 15.53 -9.61
N LEU A 148 -19.37 16.03 -8.76
CA LEU A 148 -18.12 16.62 -9.24
C LEU A 148 -17.17 15.55 -9.81
N TYR A 149 -17.19 14.37 -9.18
CA TYR A 149 -16.39 13.25 -9.63
C TYR A 149 -16.73 12.97 -11.08
N HIS A 150 -18.02 13.08 -11.44
CA HIS A 150 -18.51 12.71 -12.76
C HIS A 150 -18.76 13.94 -13.65
N ASP A 151 -18.07 15.06 -13.36
CA ASP A 151 -18.32 16.29 -14.09
C ASP A 151 -17.13 16.59 -15.02
N PRO A 152 -17.30 16.45 -16.36
CA PRO A 152 -16.19 16.66 -17.29
C PRO A 152 -15.69 18.09 -17.37
N ARG A 153 -16.38 19.03 -16.71
CA ARG A 153 -16.03 20.44 -16.82
C ARG A 153 -14.78 20.77 -16.03
N LEU A 154 -14.27 19.82 -15.24
CA LEU A 154 -13.01 20.01 -14.55
C LEU A 154 -11.82 19.89 -15.51
N SER A 155 -12.07 19.43 -16.75
CA SER A 155 -11.05 19.32 -17.78
C SER A 155 -11.20 20.44 -18.81
N ALA A 156 -10.08 20.81 -19.44
CA ALA A 156 -10.02 21.91 -20.41
C ALA A 156 -11.06 21.78 -21.53
N ASP A 157 -11.14 20.59 -22.12
CA ASP A 157 -12.03 20.08 -23.18
C ASP A 157 -13.52 20.02 -22.83
N SER A 158 -13.80 19.88 -21.52
CA SER A 158 -15.07 19.46 -20.95
C SER A 158 -15.47 18.03 -21.36
N THR A 159 -14.48 17.11 -21.57
CA THR A 159 -14.77 15.72 -21.98
C THR A 159 -14.31 14.70 -20.94
N ILE A 160 -13.43 15.08 -20.02
CA ILE A 160 -12.82 14.13 -19.08
C ILE A 160 -13.24 14.49 -17.66
N SER A 161 -13.89 13.55 -16.99
CA SER A 161 -14.08 13.63 -15.55
C SER A 161 -13.17 12.59 -14.87
N CYS A 162 -13.20 12.55 -13.54
CA CYS A 162 -12.45 11.57 -12.76
C CYS A 162 -12.77 10.16 -13.24
N ALA A 163 -14.02 9.96 -13.70
CA ALA A 163 -14.55 8.64 -14.05
C ALA A 163 -13.84 8.04 -15.27
N HIS A 164 -13.18 8.90 -16.06
CA HIS A 164 -12.56 8.46 -17.28
C HIS A 164 -11.37 7.56 -16.93
N CYS A 165 -10.71 7.86 -15.80
CA CYS A 165 -9.54 7.11 -15.39
C CYS A 165 -9.90 6.16 -14.26
N HIS A 166 -11.11 6.32 -13.70
CA HIS A 166 -11.50 5.55 -12.53
C HIS A 166 -13.00 5.25 -12.54
N ALA A 167 -13.43 4.44 -13.50
CA ALA A 167 -14.82 4.04 -13.60
C ALA A 167 -15.23 3.11 -12.47
N LEU A 168 -16.29 3.49 -11.73
CA LEU A 168 -16.69 2.81 -10.51
C LEU A 168 -17.30 1.45 -10.80
N ASN A 169 -17.80 1.25 -12.02
CA ASN A 169 -18.23 -0.08 -12.44
C ASN A 169 -17.12 -0.97 -13.00
N ALA A 170 -15.92 -0.42 -13.19
CA ALA A 170 -14.81 -1.19 -13.75
C ALA A 170 -13.63 -1.23 -12.76
N GLY A 171 -13.94 -1.34 -11.47
CA GLY A 171 -12.88 -1.53 -10.49
C GLY A 171 -12.18 -0.23 -10.08
N GLY A 172 -12.71 0.92 -10.52
CA GLY A 172 -12.16 2.20 -10.10
C GLY A 172 -10.98 2.63 -10.95
N VAL A 173 -10.96 2.13 -12.20
CA VAL A 173 -9.76 2.20 -13.02
C VAL A 173 -10.17 2.19 -14.50
N ASP A 174 -9.25 2.59 -15.40
CA ASP A 174 -9.57 2.69 -16.82
C ASP A 174 -9.21 1.43 -17.60
N GLY A 175 -8.44 0.52 -16.98
CA GLY A 175 -8.06 -0.75 -17.58
C GLY A 175 -7.01 -0.60 -18.67
N ARG A 176 -6.45 0.60 -18.79
CA ARG A 176 -5.37 0.89 -19.71
C ARG A 176 -4.02 0.76 -19.00
N LYS A 177 -2.97 0.60 -19.82
CA LYS A 177 -1.60 0.52 -19.37
C LYS A 177 -1.23 1.78 -18.60
N THR A 178 -1.43 2.94 -19.22
CA THR A 178 -1.42 4.24 -18.55
C THR A 178 -2.53 5.07 -19.19
N SER A 179 -2.93 6.16 -18.50
CA SER A 179 -4.18 6.83 -18.79
C SER A 179 -3.99 7.84 -19.92
N ILE A 180 -5.11 8.13 -20.58
CA ILE A 180 -5.12 9.04 -21.72
C ILE A 180 -5.83 10.30 -21.28
N GLY A 181 -5.10 11.41 -21.37
CA GLY A 181 -5.57 12.71 -20.94
C GLY A 181 -5.97 13.59 -22.13
N VAL A 182 -6.22 14.85 -21.81
CA VAL A 182 -6.64 15.80 -22.82
C VAL A 182 -5.60 15.89 -23.93
N GLY A 183 -6.11 16.01 -25.17
CA GLY A 183 -5.27 16.14 -26.35
C GLY A 183 -4.61 14.81 -26.66
N GLY A 184 -5.08 13.75 -26.02
CA GLY A 184 -4.54 12.40 -26.22
C GLY A 184 -3.18 12.21 -25.56
N ALA A 185 -2.86 13.03 -24.55
CA ALA A 185 -1.61 12.88 -23.80
C ALA A 185 -1.52 11.49 -23.15
N VAL A 186 -0.45 10.77 -23.42
CA VAL A 186 -0.33 9.45 -22.80
C VAL A 186 0.47 9.64 -21.54
N GLY A 187 -0.15 9.18 -20.44
CA GLY A 187 0.34 9.41 -19.10
C GLY A 187 1.44 8.43 -18.72
N PRO A 188 2.20 8.74 -17.63
CA PRO A 188 3.43 8.02 -17.29
C PRO A 188 3.38 6.79 -16.40
N ILE A 189 2.18 6.49 -15.87
CA ILE A 189 2.04 5.47 -14.84
C ILE A 189 0.59 4.97 -14.86
N ASN A 190 0.39 3.72 -14.39
CA ASN A 190 -0.90 3.05 -14.33
C ASN A 190 -1.74 3.72 -13.27
N ALA A 191 -3.01 3.94 -13.58
CA ALA A 191 -3.93 4.61 -12.67
C ALA A 191 -4.41 3.58 -11.67
N PRO A 192 -4.21 3.83 -10.36
CA PRO A 192 -4.70 2.91 -9.35
C PRO A 192 -6.18 3.15 -9.10
N THR A 193 -6.79 2.19 -8.39
CA THR A 193 -8.18 2.23 -8.01
C THR A 193 -8.44 3.31 -6.96
N VAL A 194 -9.57 3.98 -7.10
CA VAL A 194 -10.03 4.87 -6.05
C VAL A 194 -10.69 4.07 -4.93
N PHE A 195 -10.98 2.79 -5.15
CA PHE A 195 -11.58 1.98 -4.10
C PHE A 195 -10.58 1.74 -2.95
N ASN A 196 -10.98 2.22 -1.77
CA ASN A 196 -10.30 2.02 -0.51
C ASN A 196 -9.02 2.87 -0.46
N SER A 197 -8.91 3.90 -1.32
CA SER A 197 -7.79 4.83 -1.30
C SER A 197 -7.67 5.54 0.04
N VAL A 198 -8.79 5.63 0.77
CA VAL A 198 -8.84 6.40 2.01
C VAL A 198 -7.91 5.80 3.07
N PHE A 199 -7.60 4.50 2.93
CA PHE A 199 -6.74 3.79 3.85
C PHE A 199 -5.25 3.90 3.49
N ASN A 200 -4.90 4.51 2.35
CA ASN A 200 -3.48 4.70 2.06
C ASN A 200 -2.85 5.72 3.00
N VAL A 201 -1.62 5.48 3.47
CA VAL A 201 -0.87 6.47 4.26
C VAL A 201 -0.84 7.78 3.48
N GLU A 202 -0.53 7.65 2.18
CA GLU A 202 -0.37 8.77 1.28
C GLU A 202 -0.85 8.31 -0.08
N GLN A 203 -1.05 9.27 -0.99
CA GLN A 203 -1.72 8.98 -2.26
C GLN A 203 -0.73 9.25 -3.38
N PHE A 204 -0.95 8.55 -4.51
CA PHE A 204 -0.06 8.54 -5.67
C PHE A 204 1.04 7.51 -5.41
N TRP A 205 1.54 6.90 -6.48
CA TRP A 205 2.55 5.86 -6.36
C TRP A 205 3.74 6.39 -5.56
N ASP A 206 4.14 7.65 -5.80
CA ASP A 206 5.29 8.25 -5.11
C ASP A 206 4.89 8.81 -3.74
N GLY A 207 3.59 8.81 -3.41
CA GLY A 207 3.10 9.29 -2.12
C GLY A 207 3.19 10.81 -1.95
N ARG A 208 3.13 11.57 -3.04
CA ARG A 208 3.40 13.00 -2.96
C ARG A 208 2.21 13.78 -2.39
N ALA A 209 1.02 13.18 -2.33
CA ALA A 209 -0.13 13.84 -1.72
C ALA A 209 -0.51 13.16 -0.39
N ALA A 210 -0.81 13.99 0.61
CA ALA A 210 -0.98 13.52 1.97
C ALA A 210 -2.35 12.89 2.16
N THR A 211 -3.36 13.53 1.56
CA THR A 211 -4.75 13.17 1.80
C THR A 211 -5.48 13.04 0.47
N LEU A 212 -6.71 12.55 0.55
CA LEU A 212 -7.59 12.52 -0.60
C LEU A 212 -7.82 13.91 -1.15
N GLN A 213 -7.88 14.91 -0.28
CA GLN A 213 -8.20 16.24 -0.73
C GLN A 213 -7.04 16.80 -1.55
N ASP A 214 -5.81 16.61 -1.06
CA ASP A 214 -4.62 17.11 -1.75
C ASP A 214 -4.46 16.36 -3.08
N GLN A 215 -4.82 15.09 -3.11
CA GLN A 215 -4.70 14.33 -4.34
C GLN A 215 -5.64 14.93 -5.38
N ALA A 216 -6.85 15.24 -4.96
CA ALA A 216 -7.91 15.66 -5.86
C ALA A 216 -7.59 17.01 -6.53
N GLY A 217 -6.65 17.76 -5.99
CA GLY A 217 -6.22 19.00 -6.63
C GLY A 217 -5.19 18.75 -7.74
N GLY A 218 -4.75 17.50 -7.91
CA GLY A 218 -3.72 17.17 -8.87
C GLY A 218 -4.28 17.05 -10.29
N PRO A 219 -5.08 16.01 -10.59
CA PRO A 219 -5.52 15.77 -11.96
C PRO A 219 -6.16 16.97 -12.62
N PRO A 220 -7.04 17.74 -11.93
CA PRO A 220 -7.73 18.87 -12.57
C PRO A 220 -6.82 19.87 -13.25
N LEU A 221 -5.61 20.05 -12.72
CA LEU A 221 -4.68 21.06 -13.20
C LEU A 221 -3.45 20.45 -13.84
N ASN A 222 -3.40 19.12 -13.90
CA ASN A 222 -2.27 18.43 -14.50
C ASN A 222 -2.38 18.44 -16.02
N PRO A 223 -1.42 19.04 -16.76
CA PRO A 223 -1.46 19.11 -18.23
C PRO A 223 -1.53 17.76 -18.94
N ILE A 224 -1.05 16.71 -18.26
CA ILE A 224 -1.03 15.36 -18.80
C ILE A 224 -2.39 14.69 -18.64
N GLU A 225 -3.24 15.21 -17.73
CA GLU A 225 -4.53 14.60 -17.38
C GLU A 225 -5.68 15.50 -17.82
N MET A 226 -6.25 16.27 -16.87
CA MET A 226 -7.42 17.08 -17.14
C MET A 226 -7.04 18.44 -17.75
N ALA A 227 -5.88 18.95 -17.37
CA ALA A 227 -5.19 19.99 -18.13
C ALA A 227 -5.83 21.37 -18.06
N SER A 228 -6.74 21.63 -17.09
CA SER A 228 -7.24 22.98 -16.87
C SER A 228 -6.13 23.95 -16.44
N LYS A 229 -6.26 25.20 -16.89
CA LYS A 229 -5.28 26.26 -16.64
C LYS A 229 -5.29 26.64 -15.17
N SER A 230 -6.50 26.67 -14.59
CA SER A 230 -6.69 27.15 -13.22
C SER A 230 -8.06 26.72 -12.71
N TRP A 231 -8.25 26.79 -11.39
CA TRP A 231 -9.57 26.61 -10.82
C TRP A 231 -10.53 27.69 -11.34
N ASP A 232 -10.03 28.89 -11.62
CA ASP A 232 -10.87 29.95 -12.18
C ASP A 232 -11.53 29.48 -13.48
N GLU A 233 -10.77 28.81 -14.35
CA GLU A 233 -11.28 28.32 -15.63
C GLU A 233 -12.44 27.34 -15.38
N ILE A 234 -12.22 26.40 -14.45
CA ILE A 234 -13.19 25.37 -14.12
C ILE A 234 -14.47 25.99 -13.55
N ILE A 235 -14.32 26.96 -12.64
CA ILE A 235 -15.44 27.52 -11.90
C ILE A 235 -16.29 28.40 -12.82
N ALA A 236 -15.64 29.08 -13.75
CA ALA A 236 -16.37 29.88 -14.73
C ALA A 236 -17.41 29.01 -15.45
N LYS A 237 -17.16 27.70 -15.53
CA LYS A 237 -18.06 26.78 -16.21
C LYS A 237 -19.10 26.17 -15.26
N LEU A 238 -18.67 25.89 -14.02
CA LEU A 238 -19.56 25.30 -13.03
C LEU A 238 -20.60 26.33 -12.59
N GLU A 239 -20.22 27.62 -12.65
CA GLU A 239 -21.09 28.73 -12.24
C GLU A 239 -22.35 28.83 -13.10
N LYS A 240 -22.30 28.37 -14.35
CA LYS A 240 -23.47 28.42 -15.21
C LYS A 240 -24.45 27.27 -14.95
N ASP A 241 -24.24 26.42 -13.92
CA ASP A 241 -25.14 25.30 -13.62
C ASP A 241 -25.94 25.54 -12.33
N PRO A 242 -27.18 26.06 -12.40
CA PRO A 242 -27.98 26.34 -11.21
C PRO A 242 -28.18 25.13 -10.30
N GLN A 243 -28.63 24.02 -10.86
CA GLN A 243 -28.91 22.81 -10.09
C GLN A 243 -27.73 22.51 -9.16
N LEU A 244 -26.53 22.52 -9.74
CA LEU A 244 -25.31 22.17 -9.05
C LEU A 244 -24.88 23.28 -8.11
N LYS A 245 -24.93 24.53 -8.59
CA LYS A 245 -24.52 25.70 -7.80
C LYS A 245 -25.39 25.89 -6.55
N THR A 246 -26.71 25.71 -6.72
CA THR A 246 -27.67 25.85 -5.63
C THR A 246 -27.33 24.83 -4.55
N GLN A 247 -27.12 23.58 -4.98
CA GLN A 247 -26.82 22.48 -4.09
C GLN A 247 -25.45 22.71 -3.42
N PHE A 248 -24.54 23.32 -4.18
CA PHE A 248 -23.18 23.54 -3.72
C PHE A 248 -23.21 24.56 -2.58
N LEU A 249 -23.92 25.68 -2.77
CA LEU A 249 -23.92 26.78 -1.80
C LEU A 249 -24.54 26.36 -0.46
N GLU A 250 -25.45 25.37 -0.50
CA GLU A 250 -26.03 24.74 0.68
C GLU A 250 -24.93 24.28 1.66
N VAL A 251 -23.94 23.55 1.15
CA VAL A 251 -22.68 23.31 1.83
C VAL A 251 -21.75 24.45 1.40
N TYR A 252 -20.74 24.81 2.17
CA TYR A 252 -19.81 25.81 1.63
C TYR A 252 -20.58 27.02 1.08
N PRO A 253 -21.23 27.86 1.93
CA PRO A 253 -21.92 29.06 1.42
C PRO A 253 -20.91 30.12 0.97
N GLN A 254 -19.63 29.81 1.11
CA GLN A 254 -18.53 30.57 0.53
C GLN A 254 -18.56 30.57 -1.00
N GLY A 255 -19.10 29.51 -1.61
CA GLY A 255 -19.08 29.38 -3.06
C GLY A 255 -17.98 28.45 -3.56
N PHE A 256 -17.87 28.37 -4.89
CA PHE A 256 -16.95 27.46 -5.53
C PHE A 256 -15.50 27.86 -5.23
N SER A 257 -14.64 26.85 -5.02
CA SER A 257 -13.22 27.08 -4.92
C SER A 257 -12.52 25.72 -5.03
N GLY A 258 -11.22 25.76 -5.28
CA GLY A 258 -10.42 24.55 -5.28
C GLY A 258 -10.59 23.77 -3.98
N GLU A 259 -10.34 24.47 -2.85
CA GLU A 259 -10.51 23.91 -1.50
C GLU A 259 -11.81 23.13 -1.43
N ASN A 260 -12.93 23.78 -1.78
CA ASN A 260 -14.27 23.24 -1.55
C ASN A 260 -14.62 22.15 -2.56
N ILE A 261 -14.17 22.28 -3.82
CA ILE A 261 -14.45 21.20 -4.75
C ILE A 261 -13.65 19.95 -4.35
N THR A 262 -12.38 20.13 -3.95
CA THR A 262 -11.54 19.00 -3.61
C THR A 262 -12.08 18.35 -2.34
N ASP A 263 -12.54 19.18 -1.39
CA ASP A 263 -13.15 18.69 -0.17
C ASP A 263 -14.40 17.83 -0.46
N ALA A 264 -15.31 18.31 -1.32
CA ALA A 264 -16.50 17.54 -1.67
C ALA A 264 -16.13 16.18 -2.26
N ILE A 265 -15.18 16.19 -3.20
CA ILE A 265 -14.83 14.99 -3.93
C ILE A 265 -14.25 13.98 -2.94
N ALA A 266 -13.34 14.46 -2.07
CA ALA A 266 -12.70 13.64 -1.06
C ALA A 266 -13.75 12.94 -0.19
N GLU A 267 -14.79 13.68 0.21
CA GLU A 267 -15.82 13.11 1.07
C GLU A 267 -16.54 11.99 0.32
N PHE A 268 -16.84 12.23 -0.95
CA PHE A 268 -17.42 11.20 -1.79
C PHE A 268 -16.52 9.96 -1.78
N GLU A 269 -15.20 10.16 -1.87
CA GLU A 269 -14.26 9.06 -2.02
C GLU A 269 -14.21 8.19 -0.76
N LYS A 270 -14.55 8.77 0.40
CA LYS A 270 -14.65 7.99 1.63
C LYS A 270 -15.83 7.03 1.57
N THR A 271 -16.72 7.15 0.58
CA THR A 271 -17.81 6.19 0.42
C THR A 271 -17.46 5.08 -0.57
N LEU A 272 -16.28 5.18 -1.20
CA LEU A 272 -15.86 4.24 -2.22
C LEU A 272 -15.04 3.17 -1.52
N ILE A 273 -15.71 2.42 -0.65
CA ILE A 273 -15.08 1.31 0.05
C ILE A 273 -15.84 0.06 -0.37
N THR A 274 -15.20 -1.11 -0.19
CA THR A 274 -15.74 -2.34 -0.73
C THR A 274 -15.65 -3.42 0.33
N PRO A 275 -16.44 -3.31 1.42
CA PRO A 275 -16.44 -4.33 2.46
C PRO A 275 -17.16 -5.58 1.94
N ASP A 276 -17.01 -6.67 2.72
CA ASP A 276 -17.75 -7.91 2.56
C ASP A 276 -17.28 -8.70 1.35
N SER A 277 -16.01 -8.51 0.99
CA SER A 277 -15.23 -9.51 0.28
C SER A 277 -15.51 -10.87 0.93
N PRO A 278 -15.48 -11.98 0.16
CA PRO A 278 -15.56 -13.31 0.76
C PRO A 278 -14.45 -13.49 1.78
N PHE A 279 -13.29 -12.88 1.52
CA PHE A 279 -12.19 -12.94 2.45
C PHE A 279 -12.59 -12.30 3.79
N ASP A 280 -13.21 -11.11 3.75
CA ASP A 280 -13.54 -10.37 4.96
C ASP A 280 -14.63 -11.09 5.75
N LYS A 281 -15.54 -11.73 5.03
CA LYS A 281 -16.59 -12.49 5.67
C LYS A 281 -16.00 -13.70 6.39
N TRP A 282 -14.89 -14.21 5.86
CA TRP A 282 -14.14 -15.30 6.47
C TRP A 282 -13.37 -14.79 7.68
N LEU A 283 -12.79 -13.59 7.58
CA LEU A 283 -12.15 -13.00 8.75
C LEU A 283 -13.18 -12.76 9.85
N ARG A 284 -14.46 -12.61 9.48
CA ARG A 284 -15.48 -12.33 10.47
C ARG A 284 -16.12 -13.60 11.01
N GLY A 285 -15.66 -14.78 10.56
CA GLY A 285 -16.01 -16.03 11.22
C GLY A 285 -16.81 -16.99 10.33
N ASP A 286 -17.24 -16.53 9.15
CA ASP A 286 -17.89 -17.39 8.17
C ASP A 286 -16.87 -18.32 7.51
N GLU A 287 -16.77 -19.58 7.99
CA GLU A 287 -15.75 -20.52 7.52
C GLU A 287 -15.98 -20.92 6.06
N ASN A 288 -17.23 -20.86 5.56
CA ASN A 288 -17.52 -21.36 4.23
C ASN A 288 -17.40 -20.28 3.16
N ALA A 289 -16.98 -19.07 3.55
CA ALA A 289 -16.87 -17.95 2.63
C ALA A 289 -15.72 -18.14 1.65
N LEU A 290 -14.71 -18.93 2.03
CA LEU A 290 -13.59 -19.26 1.16
C LEU A 290 -13.66 -20.74 0.75
N THR A 291 -13.06 -21.05 -0.42
CA THR A 291 -12.83 -22.43 -0.86
C THR A 291 -11.60 -22.99 -0.16
N ALA A 292 -11.46 -24.33 -0.17
CA ALA A 292 -10.25 -24.97 0.31
C ALA A 292 -9.03 -24.31 -0.33
N GLN A 293 -9.13 -24.04 -1.63
CA GLN A 293 -7.99 -23.50 -2.37
C GLN A 293 -7.62 -22.10 -1.87
N GLN A 294 -8.62 -21.27 -1.58
CA GLN A 294 -8.42 -19.90 -1.14
C GLN A 294 -7.81 -19.85 0.26
N LYS A 295 -8.11 -20.84 1.10
CA LYS A 295 -7.53 -20.93 2.43
C LYS A 295 -6.04 -21.28 2.35
N LYS A 296 -5.73 -22.21 1.45
CA LYS A 296 -4.37 -22.63 1.17
C LYS A 296 -3.60 -21.44 0.59
N GLY A 297 -4.21 -20.78 -0.41
CA GLY A 297 -3.68 -19.58 -1.04
C GLY A 297 -3.34 -18.52 0.01
N TYR A 298 -4.24 -18.33 0.98
CA TYR A 298 -4.01 -17.36 2.03
C TYR A 298 -2.80 -17.77 2.88
N GLN A 299 -2.69 -19.06 3.21
CA GLN A 299 -1.53 -19.54 3.97
C GLN A 299 -0.23 -19.32 3.20
N LEU A 300 -0.24 -19.66 1.90
CA LEU A 300 0.92 -19.47 1.02
C LEU A 300 1.31 -17.99 1.01
N PHE A 301 0.30 -17.12 0.92
CA PHE A 301 0.49 -15.68 0.89
C PHE A 301 1.33 -15.24 2.08
N LYS A 302 0.98 -15.69 3.30
CA LYS A 302 1.76 -15.35 4.49
C LYS A 302 3.12 -16.03 4.49
N ASP A 303 3.18 -17.29 4.06
CA ASP A 303 4.39 -18.09 4.10
C ASP A 303 5.50 -17.48 3.25
N ASN A 304 5.12 -16.85 2.13
CA ASN A 304 6.06 -16.29 1.20
C ASN A 304 6.17 -14.78 1.34
N LYS A 305 5.89 -14.25 2.53
CA LYS A 305 6.27 -12.90 2.93
C LYS A 305 5.38 -11.84 2.32
N CYS A 306 4.32 -12.23 1.59
CA CYS A 306 3.50 -11.24 0.92
C CYS A 306 2.87 -10.26 1.91
N ALA A 307 2.45 -10.75 3.07
CA ALA A 307 1.77 -9.93 4.05
C ALA A 307 2.73 -8.97 4.78
N THR A 308 4.04 -9.13 4.58
CA THR A 308 5.02 -8.23 5.18
C THR A 308 4.87 -6.84 4.57
N CYS A 309 4.58 -6.78 3.28
CA CYS A 309 4.40 -5.52 2.57
C CYS A 309 2.92 -5.23 2.35
N HIS A 310 2.18 -6.25 1.92
CA HIS A 310 0.76 -6.16 1.62
C HIS A 310 -0.04 -6.50 2.89
N GLY A 311 0.14 -5.73 3.95
CA GLY A 311 -0.58 -5.97 5.19
C GLY A 311 -1.70 -4.96 5.41
N GLY A 312 -2.31 -5.09 6.58
CA GLY A 312 -3.25 -4.09 7.07
C GLY A 312 -4.62 -4.27 6.45
N ILE A 313 -5.38 -3.17 6.40
CA ILE A 313 -6.76 -3.21 6.01
C ILE A 313 -6.88 -3.52 4.52
N ILE A 314 -6.02 -2.90 3.68
CA ILE A 314 -6.18 -3.04 2.25
C ILE A 314 -5.07 -3.91 1.63
N LEU A 315 -4.34 -4.66 2.46
CA LEU A 315 -3.27 -5.53 2.01
C LEU A 315 -2.30 -4.71 1.15
N GLY A 316 -1.77 -3.65 1.78
CA GLY A 316 -0.79 -2.75 1.17
C GLY A 316 -1.10 -1.31 1.55
N GLY A 317 -0.55 -0.38 0.77
CA GLY A 317 -0.99 1.00 0.78
C GLY A 317 -0.44 1.79 1.95
N ARG A 318 0.52 1.19 2.67
CA ARG A 318 0.86 1.63 4.01
C ARG A 318 2.34 1.99 4.11
N SER A 319 3.08 1.81 3.01
CA SER A 319 4.52 1.89 3.03
C SER A 319 5.07 1.91 1.60
N PHE A 320 6.36 2.27 1.49
CA PHE A 320 7.08 2.40 0.25
C PHE A 320 8.18 1.35 0.17
N GLU A 321 8.11 0.51 -0.88
CA GLU A 321 9.06 -0.57 -1.05
C GLU A 321 9.69 -0.47 -2.44
N PRO A 322 10.99 -0.81 -2.56
CA PRO A 322 11.69 -0.81 -3.84
C PRO A 322 11.14 -1.94 -4.69
N LEU A 323 10.95 -1.64 -5.98
CA LEU A 323 10.67 -2.70 -6.95
C LEU A 323 12.01 -3.32 -7.30
N GLY A 324 12.16 -4.58 -6.93
CA GLY A 324 13.42 -5.29 -7.02
C GLY A 324 14.15 -5.31 -5.69
N LEU A 325 13.49 -5.75 -4.62
CA LEU A 325 14.09 -5.71 -3.30
C LEU A 325 15.19 -6.75 -3.19
N LYS A 326 14.86 -7.98 -3.57
CA LYS A 326 15.76 -9.09 -3.38
C LYS A 326 16.52 -9.42 -4.65
N LYS A 327 16.15 -8.81 -5.78
CA LYS A 327 16.84 -9.01 -7.05
C LYS A 327 16.56 -7.81 -7.94
N ASP A 328 17.61 -7.27 -8.54
CA ASP A 328 17.48 -6.10 -9.40
C ASP A 328 16.42 -6.36 -10.46
N PHE A 329 15.53 -5.39 -10.63
CA PHE A 329 14.42 -5.57 -11.55
C PHE A 329 14.92 -5.19 -12.94
N ASN A 330 14.32 -5.83 -13.95
CA ASN A 330 14.72 -5.60 -15.33
C ASN A 330 14.00 -4.38 -15.88
N PHE A 331 14.42 -3.19 -15.48
CA PHE A 331 13.73 -2.00 -15.92
C PHE A 331 14.01 -1.75 -17.40
N GLY A 332 15.18 -2.18 -17.91
CA GLY A 332 15.55 -1.85 -19.28
C GLY A 332 16.19 -0.46 -19.32
N GLU A 333 15.34 0.55 -19.16
CA GLU A 333 15.83 1.83 -18.67
C GLU A 333 14.84 2.35 -17.63
N ILE A 334 15.43 2.88 -16.58
CA ILE A 334 14.74 3.51 -15.48
C ILE A 334 14.32 4.91 -15.91
N THR A 335 13.01 5.22 -15.77
CA THR A 335 12.39 6.50 -16.06
C THR A 335 12.10 7.22 -14.75
N ALA A 336 11.67 8.47 -14.85
CA ALA A 336 11.28 9.24 -13.68
C ALA A 336 10.13 8.57 -12.94
N ALA A 337 9.26 7.86 -13.63
CA ALA A 337 8.16 7.17 -12.95
C ALA A 337 8.67 5.98 -12.14
N ASP A 338 9.75 5.34 -12.60
CA ASP A 338 10.34 4.20 -11.93
C ASP A 338 11.11 4.63 -10.68
N ILE A 339 11.56 5.89 -10.68
CA ILE A 339 12.33 6.45 -9.59
C ILE A 339 11.47 6.55 -8.33
N GLY A 340 10.18 6.87 -8.51
CA GLY A 340 9.20 6.74 -7.44
C GLY A 340 9.46 7.74 -6.32
N ARG A 341 9.52 7.23 -5.10
CA ARG A 341 9.40 8.05 -3.91
C ARG A 341 10.51 9.10 -3.82
N MET A 342 11.65 8.82 -4.45
CA MET A 342 12.76 9.76 -4.40
C MET A 342 12.38 11.11 -5.04
N ASN A 343 11.45 11.11 -5.99
CA ASN A 343 10.98 12.36 -6.55
C ASN A 343 10.47 13.27 -5.44
N VAL A 344 9.88 12.67 -4.41
CA VAL A 344 9.36 13.42 -3.29
C VAL A 344 10.47 13.70 -2.29
N THR A 345 11.23 12.67 -1.88
CA THR A 345 12.11 12.85 -0.73
C THR A 345 13.52 13.30 -1.12
N LYS A 346 14.00 13.01 -2.32
CA LYS A 346 15.37 13.30 -2.74
C LYS A 346 16.38 12.39 -2.04
N GLU A 347 15.93 11.25 -1.53
CA GLU A 347 16.76 10.38 -0.70
C GLU A 347 17.18 9.16 -1.51
N GLU A 348 18.48 8.83 -1.52
CA GLU A 348 19.03 7.75 -2.33
C GLU A 348 18.28 6.45 -2.03
N ARG A 349 17.94 6.22 -0.75
CA ARG A 349 17.35 4.96 -0.35
C ARG A 349 15.94 4.82 -0.94
N ASP A 350 15.29 5.94 -1.23
CA ASP A 350 13.95 5.95 -1.79
C ASP A 350 13.94 5.75 -3.30
N LYS A 351 15.11 5.67 -3.96
CA LYS A 351 15.19 5.41 -5.39
C LYS A 351 14.52 4.07 -5.72
N LEU A 352 13.54 4.09 -6.63
CA LEU A 352 12.83 2.92 -7.12
C LEU A 352 11.73 2.49 -6.15
N ARG A 353 11.56 3.20 -5.02
CA ARG A 353 10.51 2.80 -4.07
C ARG A 353 9.16 3.33 -4.51
N GLN A 354 8.14 2.57 -4.17
CA GLN A 354 6.80 2.73 -4.72
C GLN A 354 5.84 2.37 -3.59
N LYS A 355 4.77 3.14 -3.43
CA LYS A 355 3.77 2.76 -2.45
C LYS A 355 3.33 1.34 -2.76
N VAL A 356 3.34 0.48 -1.74
CA VAL A 356 2.83 -0.87 -1.95
C VAL A 356 1.35 -0.76 -2.29
N PRO A 357 0.90 -1.39 -3.39
CA PRO A 357 -0.52 -1.36 -3.74
C PRO A 357 -1.32 -2.25 -2.80
N GLY A 358 -2.45 -1.72 -2.34
CA GLY A 358 -3.47 -2.53 -1.68
C GLY A 358 -3.94 -3.54 -2.70
N LEU A 359 -4.09 -4.82 -2.32
CA LEU A 359 -4.53 -5.84 -3.26
C LEU A 359 -6.04 -6.05 -3.21
N ARG A 360 -6.76 -5.23 -2.46
CA ARG A 360 -8.21 -5.29 -2.51
C ARG A 360 -8.66 -5.11 -3.95
N ASN A 361 -9.56 -5.97 -4.42
CA ASN A 361 -10.13 -5.80 -5.75
C ASN A 361 -9.09 -5.91 -6.87
N VAL A 362 -7.90 -6.44 -6.58
CA VAL A 362 -6.84 -6.48 -7.58
C VAL A 362 -7.28 -7.32 -8.79
N ALA A 363 -8.18 -8.27 -8.56
CA ALA A 363 -8.65 -9.09 -9.66
C ALA A 363 -9.43 -8.26 -10.67
N LEU A 364 -9.81 -7.01 -10.31
CA LEU A 364 -10.61 -6.16 -11.16
C LEU A 364 -9.81 -4.98 -11.73
N THR A 365 -8.52 -4.84 -11.38
CA THR A 365 -7.77 -3.65 -11.75
C THR A 365 -6.57 -3.96 -12.68
N ALA A 366 -6.63 -5.08 -13.43
CA ALA A 366 -5.70 -5.27 -14.54
C ALA A 366 -5.61 -4.04 -15.46
N PRO A 367 -4.47 -3.80 -16.15
CA PRO A 367 -3.22 -4.54 -15.93
C PRO A 367 -2.46 -4.06 -14.69
N TYR A 368 -1.36 -4.77 -14.36
CA TYR A 368 -0.71 -4.63 -13.06
C TYR A 368 0.67 -3.98 -13.13
N PHE A 369 1.19 -3.67 -11.93
CA PHE A 369 2.44 -2.96 -11.69
C PHE A 369 2.30 -1.51 -12.15
N HIS A 370 3.21 -0.66 -11.68
CA HIS A 370 3.07 0.76 -11.92
C HIS A 370 3.23 1.08 -13.41
N ARG A 371 3.92 0.23 -14.16
CA ARG A 371 4.18 0.41 -15.58
C ARG A 371 2.97 -0.03 -16.40
N GLY A 372 2.08 -0.82 -15.80
CA GLY A 372 0.84 -1.24 -16.43
C GLY A 372 1.09 -2.32 -17.47
N ASP A 373 2.22 -3.00 -17.33
CA ASP A 373 2.72 -3.89 -18.39
C ASP A 373 2.59 -5.35 -17.99
N VAL A 374 1.98 -5.65 -16.84
CA VAL A 374 1.85 -7.04 -16.41
C VAL A 374 0.40 -7.42 -16.55
N PRO A 375 0.01 -8.18 -17.58
CA PRO A 375 -1.41 -8.34 -17.87
C PRO A 375 -2.24 -9.28 -16.99
N THR A 376 -1.59 -10.20 -16.25
CA THR A 376 -2.33 -11.19 -15.48
C THR A 376 -1.81 -11.27 -14.05
N LEU A 377 -2.68 -11.81 -13.17
CA LEU A 377 -2.31 -12.14 -11.80
C LEU A 377 -1.26 -13.26 -11.72
N ASP A 378 -1.36 -14.32 -12.53
CA ASP A 378 -0.30 -15.33 -12.58
C ASP A 378 1.07 -14.65 -12.76
N GLY A 379 1.17 -13.74 -13.73
CA GLY A 379 2.41 -13.02 -14.01
C GLY A 379 2.86 -12.18 -12.80
N ALA A 380 1.94 -11.40 -12.24
CA ALA A 380 2.29 -10.48 -11.16
C ALA A 380 2.81 -11.23 -9.95
N VAL A 381 2.20 -12.39 -9.63
CA VAL A 381 2.58 -13.18 -8.47
C VAL A 381 3.98 -13.75 -8.70
N LYS A 382 4.21 -14.35 -9.87
CA LYS A 382 5.52 -14.89 -10.21
C LYS A 382 6.61 -13.82 -10.16
N LEU A 383 6.32 -12.63 -10.71
CA LEU A 383 7.30 -11.55 -10.75
C LEU A 383 7.58 -11.07 -9.33
N MET A 384 6.59 -11.17 -8.46
CA MET A 384 6.79 -10.74 -7.08
C MET A 384 7.60 -11.78 -6.29
N LEU A 385 7.35 -13.05 -6.56
CA LEU A 385 8.16 -14.10 -5.98
C LEU A 385 9.63 -13.89 -6.38
N ARG A 386 9.92 -13.61 -7.67
CA ARG A 386 11.31 -13.53 -8.12
C ARG A 386 12.02 -12.33 -7.50
N TYR A 387 11.33 -11.20 -7.46
CA TYR A 387 11.98 -9.91 -7.27
C TYR A 387 11.80 -9.41 -5.86
N GLN A 388 10.65 -9.69 -5.22
CA GLN A 388 10.37 -9.14 -3.90
C GLN A 388 10.67 -10.16 -2.80
N VAL A 389 10.64 -11.44 -3.14
CA VAL A 389 10.82 -12.49 -2.15
C VAL A 389 12.13 -13.24 -2.38
N GLY A 390 12.48 -13.50 -3.65
CA GLY A 390 13.74 -14.11 -4.02
C GLY A 390 13.59 -15.62 -4.15
N LYS A 391 12.57 -16.08 -4.88
CA LYS A 391 12.07 -17.43 -4.75
C LYS A 391 11.32 -17.85 -6.02
N GLU A 392 11.14 -19.17 -6.17
CA GLU A 392 10.26 -19.72 -7.18
C GLU A 392 9.21 -20.55 -6.45
N LEU A 393 8.09 -20.82 -7.11
CA LEU A 393 7.07 -21.69 -6.54
C LEU A 393 6.53 -22.52 -7.68
N PRO A 394 6.11 -23.76 -7.43
CA PRO A 394 5.44 -24.54 -8.49
C PRO A 394 4.18 -23.83 -8.94
N GLN A 395 3.68 -24.19 -10.13
CA GLN A 395 2.43 -23.65 -10.63
C GLN A 395 1.31 -23.79 -9.61
N GLU A 396 1.13 -25.00 -9.02
CA GLU A 396 -0.09 -25.29 -8.29
C GLU A 396 -0.26 -24.29 -7.13
N ASP A 397 0.86 -23.82 -6.56
CA ASP A 397 0.89 -22.91 -5.42
C ASP A 397 0.61 -21.48 -5.87
N VAL A 398 1.15 -21.11 -7.03
CA VAL A 398 0.82 -19.84 -7.66
C VAL A 398 -0.69 -19.78 -7.94
N ASP A 399 -1.28 -20.85 -8.49
CA ASP A 399 -2.70 -20.87 -8.78
C ASP A 399 -3.52 -20.65 -7.51
N ASP A 400 -3.04 -21.23 -6.40
CA ASP A 400 -3.67 -21.12 -5.10
C ASP A 400 -3.60 -19.68 -4.58
N ILE A 401 -2.45 -19.01 -4.71
CA ILE A 401 -2.34 -17.63 -4.27
C ILE A 401 -3.26 -16.73 -5.09
N VAL A 402 -3.35 -17.03 -6.39
CA VAL A 402 -4.17 -16.26 -7.31
C VAL A 402 -5.64 -16.40 -6.91
N ALA A 403 -6.10 -17.64 -6.66
CA ALA A 403 -7.45 -17.89 -6.19
C ALA A 403 -7.77 -17.04 -4.97
N PHE A 404 -6.86 -17.04 -4.00
CA PHE A 404 -7.00 -16.21 -2.82
C PHE A 404 -7.17 -14.74 -3.20
N LEU A 405 -6.38 -14.24 -4.15
CA LEU A 405 -6.48 -12.84 -4.52
C LEU A 405 -7.86 -12.52 -5.07
N HIS A 406 -8.48 -13.45 -5.81
CA HIS A 406 -9.86 -13.31 -6.25
C HIS A 406 -10.83 -13.19 -5.08
N SER A 407 -10.43 -13.65 -3.89
CA SER A 407 -11.30 -13.55 -2.72
C SER A 407 -11.35 -12.13 -2.18
N LEU A 408 -10.61 -11.17 -2.76
CA LEU A 408 -10.51 -9.84 -2.18
C LEU A 408 -11.43 -8.82 -2.87
N ASN A 409 -12.22 -9.30 -3.84
CA ASN A 409 -13.26 -8.49 -4.45
C ASN A 409 -14.36 -8.16 -3.45
N GLY A 410 -14.38 -6.89 -3.02
CA GLY A 410 -15.38 -6.41 -2.09
C GLY A 410 -16.69 -6.03 -2.79
N VAL A 411 -17.62 -5.44 -2.02
CA VAL A 411 -18.93 -5.08 -2.50
C VAL A 411 -19.05 -3.57 -2.42
N TYR A 412 -19.12 -2.93 -3.59
CA TYR A 412 -19.40 -1.51 -3.66
C TYR A 412 -20.90 -1.35 -3.79
N THR A 413 -21.52 -0.60 -2.87
CA THR A 413 -22.92 -0.20 -3.01
C THR A 413 -23.03 1.10 -3.81
N PRO A 414 -23.60 1.04 -5.06
CA PRO A 414 -23.63 2.21 -5.94
C PRO A 414 -24.33 3.34 -5.21
N TYR A 415 -23.79 4.56 -5.32
CA TYR A 415 -24.32 5.73 -4.66
C TYR A 415 -25.82 5.89 -4.84
N MET A 416 -26.32 5.77 -6.08
CA MET A 416 -27.74 5.96 -6.38
C MET A 416 -28.52 4.65 -6.16
N GLN A 417 -29.45 4.61 -5.19
CA GLN A 417 -30.37 3.48 -5.07
C GLN A 417 -31.69 3.95 -4.45
FE HEC B . -6.63 9.76 -10.58
CHA HEC B . -3.96 8.57 -8.87
CHB HEC B . -8.41 9.94 -7.70
CHC HEC B . -8.60 12.14 -12.00
CHD HEC B . -5.15 9.18 -13.53
NA HEC B . -6.29 9.34 -8.66
C1A HEC B . -5.11 8.82 -8.14
C2A HEC B . -5.27 8.53 -6.76
C3A HEC B . -6.52 8.89 -6.47
C4A HEC B . -7.15 9.39 -7.63
CMA HEC B . -7.17 8.78 -5.11
CAA HEC B . -4.24 7.93 -5.81
CBA HEC B . -4.60 6.48 -5.41
CGA HEC B . -3.45 5.62 -4.94
O1A HEC B . -3.66 4.44 -4.52
O2A HEC B . -2.28 6.06 -4.91
NB HEC B . -8.26 10.85 -9.97
C1B HEC B . -8.82 10.77 -8.75
C2B HEC B . -9.91 11.72 -8.67
C3B HEC B . -9.97 12.34 -9.89
C4B HEC B . -8.85 11.77 -10.69
CMB HEC B . -10.81 11.94 -7.46
CAB HEC B . -10.75 13.52 -10.41
CBB HEC B . -11.05 14.56 -9.61
NC HEC B . -6.82 10.62 -12.45
C1C HEC B . -7.75 11.49 -12.87
C2C HEC B . -7.78 11.47 -14.28
C3C HEC B . -6.78 10.62 -14.72
C4C HEC B . -6.18 10.07 -13.55
CMC HEC B . -8.66 12.30 -15.17
CAC HEC B . -6.30 10.32 -16.11
CBC HEC B . -6.54 11.02 -17.23
ND HEC B . -4.97 9.00 -11.07
C1D HEC B . -4.52 8.83 -12.33
C2D HEC B . -3.16 8.27 -12.29
C3D HEC B . -2.83 8.12 -11.00
C4D HEC B . -3.98 8.61 -10.24
CMD HEC B . -2.32 7.88 -13.47
CAD HEC B . -1.52 7.64 -10.42
CBD HEC B . -0.60 8.87 -10.71
CGD HEC B . 0.77 8.95 -10.04
O1D HEC B . 1.54 9.92 -10.33
O2D HEC B . 1.16 8.09 -9.21
FE HEC C . 3.63 -7.25 -4.03
CHA HEC C . 2.71 -5.17 -6.45
CHB HEC C . 1.15 -9.51 -5.09
CHC HEC C . 5.05 -9.85 -2.13
CHD HEC C . 5.79 -5.07 -2.75
NA HEC C . 2.16 -7.31 -5.41
C1A HEC C . 1.99 -6.34 -6.35
C2A HEC C . 0.91 -6.69 -7.21
C3A HEC C . 0.46 -7.90 -6.81
C4A HEC C . 1.26 -8.29 -5.73
CMA HEC C . -0.71 -8.67 -7.46
CAA HEC C . 0.31 -5.86 -8.33
CBA HEC C . -0.80 -4.92 -7.79
CGA HEC C . -1.15 -3.75 -8.69
O1A HEC C . -2.01 -2.91 -8.34
O2A HEC C . -0.58 -3.58 -9.82
NB HEC C . 3.16 -9.27 -3.61
C1B HEC C . 2.12 -9.95 -4.19
C2B HEC C . 2.21 -11.28 -3.79
C3B HEC C . 3.29 -11.43 -2.96
C4B HEC C . 3.94 -10.14 -2.89
CMB HEC C . 1.23 -12.36 -4.13
CAB HEC C . 3.66 -12.77 -2.51
CBB HEC C . 4.93 -13.15 -2.62
NC HEC C . 5.16 -7.41 -2.71
C1C HEC C . 5.53 -8.54 -1.98
C2C HEC C . 6.53 -8.13 -1.07
C3C HEC C . 6.72 -6.75 -1.21
C4C HEC C . 5.84 -6.34 -2.28
CMC HEC C . 7.23 -9.09 -0.14
CAC HEC C . 7.70 -5.78 -0.64
CBC HEC C . 8.90 -6.07 -0.15
ND HEC C . 4.10 -5.51 -4.48
C1D HEC C . 5.03 -4.74 -3.86
C2D HEC C . 5.18 -3.46 -4.59
C3D HEC C . 4.32 -3.50 -5.63
C4D HEC C . 3.67 -4.81 -5.54
CMD HEC C . 6.10 -2.30 -4.26
CAD HEC C . 4.15 -2.43 -6.68
CBD HEC C . 5.23 -2.74 -7.76
CGD HEC C . 5.44 -1.87 -8.97
O1D HEC C . 5.19 -2.30 -10.12
O2D HEC C . 5.90 -0.72 -8.91
CHA HEM D . 15.97 -9.13 6.69
CHB HEM D . 15.08 -8.34 11.31
CHC HEM D . 19.72 -9.13 12.23
CHD HEM D . 20.69 -9.01 7.57
C1A HEM D . 15.31 -8.84 7.87
C2A HEM D . 13.97 -8.41 7.96
C3A HEM D . 13.72 -8.17 9.28
C4A HEM D . 14.93 -8.46 9.97
CMA HEM D . 12.42 -7.69 9.88
CAA HEM D . 12.95 -8.19 6.85
CBA HEM D . 12.26 -9.48 6.48
CGA HEM D . 12.86 -9.99 5.22
O1A HEM D . 13.18 -9.19 4.29
O2A HEM D . 13.02 -11.22 5.10
C1B HEM D . 16.25 -8.54 11.96
C2B HEM D . 16.35 -8.58 13.38
C3B HEM D . 17.67 -8.81 13.64
C4B HEM D . 18.36 -8.93 12.34
CMB HEM D . 15.27 -8.42 14.39
CAB HEM D . 18.35 -9.14 14.90
CBB HEM D . 17.74 -9.98 15.74
C1C HEM D . 20.44 -9.08 11.04
C2C HEM D . 21.82 -9.02 10.87
C3C HEM D . 22.07 -8.95 9.51
C4C HEM D . 20.83 -8.99 8.91
CMC HEM D . 22.82 -8.96 11.98
CAC HEM D . 23.34 -8.99 8.72
CBC HEM D . 24.50 -9.51 9.20
C1D HEM D . 19.44 -9.09 6.96
C2D HEM D . 19.33 -9.36 5.54
C3D HEM D . 18.03 -9.36 5.31
C4D HEM D . 17.35 -9.14 6.59
CMD HEM D . 20.42 -9.54 4.53
CAD HEM D . 17.38 -9.62 4.02
CBD HEM D . 16.93 -11.06 4.25
CGD HEM D . 16.76 -11.99 3.10
O1D HEM D . 16.66 -11.69 1.88
O2D HEM D . 16.67 -13.19 3.39
NA HEM D . 15.90 -8.84 9.12
NB HEM D . 17.44 -8.72 11.41
NC HEM D . 19.84 -9.06 9.85
ND HEM D . 18.23 -8.98 7.56
FE HEM D . 17.85 -8.78 9.40
CA CA E . -3.64 -1.71 -12.28
CA CA F . 27.30 -14.36 18.99
CL CL G . 0.32 1.02 9.23
N1 EPE H . 30.93 -19.28 11.64
C2 EPE H . 31.86 -18.74 10.63
C3 EPE H . 32.90 -17.87 11.29
N4 EPE H . 33.65 -18.63 12.29
C5 EPE H . 32.71 -19.19 13.27
C6 EPE H . 31.71 -20.08 12.59
C7 EPE H . 34.62 -17.78 13.00
C8 EPE H . 35.98 -17.85 12.45
O8 EPE H . 35.90 -17.22 11.20
C9 EPE H . 29.85 -20.06 11.06
C10 EPE H . 28.91 -20.54 12.15
S EPE H . 27.52 -21.44 11.57
O1S EPE H . 27.89 -22.82 11.42
O2S EPE H . 26.89 -20.73 10.50
O3S EPE H . 26.71 -21.15 12.82
S SO4 I . -3.24 8.16 7.89
O1 SO4 I . -3.46 8.51 6.50
O2 SO4 I . -3.24 9.35 8.71
O3 SO4 I . -4.28 7.26 8.33
O4 SO4 I . -1.96 7.51 8.03
#